data_3VE6
#
_entry.id   3VE6
#
_cell.length_a   78.950
_cell.length_b   89.750
_cell.length_c   99.580
_cell.angle_alpha   90.000
_cell.angle_beta   90.000
_cell.angle_gamma   90.000
#
_symmetry.space_group_name_H-M   'P 21 21 21'
#
loop_
_entity.id
_entity.type
_entity.pdbx_description
1 polymer 'Importin subunit alpha-2'
2 polymer 'Venezuelan equine encephalitis virus capsid protein NLS'
#
loop_
_entity_poly.entity_id
_entity_poly.type
_entity_poly.pdbx_seq_one_letter_code
_entity_poly.pdbx_strand_id
1 'polypeptide(L)'
;QGTVNWSVEDIVKGINSNNLESQLQATQAARKLLSREKQPPIDNIIRAGLIPKFVSFLGKTDCSPIQFESAWALTNIASG
TSEQTKAVVDGGAIPAFISLLASPHAHISEQAVWALGNIAGDGSAFRDLVIKHGAIDPLLALLAVPDLSTLACGYLRNLT
WTLSNLCRNKNPAPPLDAVEQILPTLVRLLHHNDPEVLADSCWAISYLTDGPNERIEMVVKKGVVPQLVKLLGATELPIV
TPALRAIGNIVTGTDEQTQKVIDAGALAVFPSLLTNPKTNIQKEATWTMSNITAGRQDQIQQVVNHGLVPFLVGVLSKAD
FKTQKEAAWAITNYTSGGTVEQIVYLVHCGIIEPLMNLLSAKDTKIIQVILDAISNIFQAAEKLGETEKLSIMIEECGGL
DKIEALQRHENESVYKASLNLIEKYF
;
A
2 'polypeptide(L)' EGPSAKKPKKEA B
#
# COMPACT_ATOMS: atom_id res chain seq x y z
N GLN A 1 35.97 6.14 -17.95
CA GLN A 1 35.63 5.86 -19.37
C GLN A 1 36.36 4.63 -19.90
N GLY A 2 37.41 4.20 -19.20
CA GLY A 2 38.19 3.05 -19.61
C GLY A 2 37.82 1.79 -18.85
N THR A 3 36.66 1.83 -18.18
CA THR A 3 36.19 0.67 -17.42
C THR A 3 34.85 0.21 -17.96
N VAL A 4 34.62 0.45 -19.25
CA VAL A 4 33.37 0.05 -19.90
C VAL A 4 33.54 -1.27 -20.62
N ASN A 5 32.60 -2.18 -20.39
CA ASN A 5 32.62 -3.50 -21.03
C ASN A 5 33.84 -4.33 -20.68
N TRP A 6 33.98 -4.66 -19.39
CA TRP A 6 34.97 -5.64 -18.95
C TRP A 6 34.32 -7.01 -18.94
N SER A 7 35.13 -8.06 -19.13
CA SER A 7 34.63 -9.42 -19.01
C SER A 7 34.59 -9.79 -17.53
N VAL A 8 33.70 -10.69 -17.16
CA VAL A 8 33.57 -11.10 -15.77
C VAL A 8 34.89 -11.69 -15.28
N GLU A 9 35.62 -12.34 -16.19
CA GLU A 9 36.91 -12.92 -15.85
C GLU A 9 37.97 -11.85 -15.60
N ASP A 10 37.89 -10.76 -16.36
CA ASP A 10 38.81 -9.63 -16.19
C ASP A 10 38.60 -8.98 -14.83
N ILE A 11 37.33 -8.84 -14.45
CA ILE A 11 36.98 -8.23 -13.17
C ILE A 11 37.57 -9.03 -12.01
N VAL A 12 37.48 -10.36 -12.12
CA VAL A 12 38.02 -11.24 -11.08
C VAL A 12 39.54 -11.16 -11.06
N LYS A 13 40.13 -11.05 -12.25
CA LYS A 13 41.59 -11.01 -12.37
C LYS A 13 42.18 -9.81 -11.63
N GLY A 14 41.55 -8.66 -11.79
CA GLY A 14 42.00 -7.44 -11.14
C GLY A 14 41.75 -7.44 -9.65
N ILE A 15 40.62 -8.02 -9.25
CA ILE A 15 40.24 -8.07 -7.83
C ILE A 15 41.09 -9.07 -7.06
N ASN A 16 41.53 -10.13 -7.74
CA ASN A 16 42.36 -11.15 -7.11
C ASN A 16 43.82 -10.72 -7.02
N SER A 17 44.15 -9.60 -7.64
CA SER A 17 45.50 -9.06 -7.56
C SER A 17 45.76 -8.47 -6.17
N ASN A 18 47.03 -8.29 -5.84
CA ASN A 18 47.42 -7.74 -4.55
C ASN A 18 47.50 -6.21 -4.60
N ASN A 19 46.98 -5.63 -5.67
CA ASN A 19 47.05 -4.19 -5.88
C ASN A 19 45.71 -3.52 -5.60
N LEU A 20 45.69 -2.65 -4.60
CA LEU A 20 44.47 -1.96 -4.19
C LEU A 20 43.81 -1.23 -5.37
N GLU A 21 44.62 -0.54 -6.17
CA GLU A 21 44.12 0.19 -7.32
C GLU A 21 43.51 -0.75 -8.36
N SER A 22 44.24 -1.80 -8.70
CA SER A 22 43.76 -2.78 -9.67
C SER A 22 42.39 -3.32 -9.24
N GLN A 23 42.22 -3.51 -7.94
CA GLN A 23 40.94 -3.95 -7.39
C GLN A 23 39.87 -2.89 -7.61
N LEU A 24 40.23 -1.64 -7.34
CA LEU A 24 39.31 -0.53 -7.51
C LEU A 24 38.80 -0.42 -8.94
N GLN A 25 39.72 -0.57 -9.90
CA GLN A 25 39.37 -0.49 -11.31
C GLN A 25 38.39 -1.59 -11.68
N ALA A 26 38.68 -2.81 -11.23
CA ALA A 26 37.83 -3.96 -11.53
C ALA A 26 36.47 -3.83 -10.85
N THR A 27 36.47 -3.25 -9.65
CA THR A 27 35.22 -3.05 -8.91
C THR A 27 34.34 -2.04 -9.61
N GLN A 28 34.96 -0.97 -10.11
CA GLN A 28 34.25 0.05 -10.86
C GLN A 28 33.69 -0.53 -12.14
N ALA A 29 34.43 -1.45 -12.75
CA ALA A 29 33.99 -2.12 -13.96
C ALA A 29 32.78 -3.01 -13.66
N ALA A 30 32.85 -3.72 -12.54
CA ALA A 30 31.75 -4.59 -12.11
C ALA A 30 30.48 -3.78 -11.95
N ARG A 31 30.61 -2.60 -11.35
CA ARG A 31 29.48 -1.70 -11.17
C ARG A 31 28.88 -1.31 -12.51
N LYS A 32 29.73 -0.85 -13.43
CA LYS A 32 29.28 -0.38 -14.73
C LYS A 32 28.52 -1.46 -15.49
N LEU A 33 28.82 -2.72 -15.20
CA LEU A 33 28.08 -3.84 -15.79
C LEU A 33 26.70 -3.94 -15.15
N LEU A 34 26.67 -3.84 -13.82
CA LEU A 34 25.41 -3.93 -13.08
C LEU A 34 24.53 -2.71 -13.38
N SER A 35 25.15 -1.57 -13.63
CA SER A 35 24.42 -0.35 -13.93
C SER A 35 24.13 -0.20 -15.43
N ARG A 36 24.57 -1.18 -16.21
CA ARG A 36 24.21 -1.22 -17.63
C ARG A 36 22.74 -1.61 -17.70
N GLU A 37 21.94 -0.76 -18.36
CA GLU A 37 20.49 -0.84 -18.25
C GLU A 37 19.88 -2.11 -18.83
N LYS A 38 20.63 -2.83 -19.66
CA LYS A 38 20.13 -4.05 -20.29
C LYS A 38 20.71 -5.31 -19.67
N GLN A 39 19.89 -6.02 -18.92
CA GLN A 39 20.24 -7.30 -18.30
C GLN A 39 21.71 -7.41 -17.92
N PRO A 40 22.05 -7.01 -16.69
CA PRO A 40 23.41 -7.17 -16.16
C PRO A 40 23.69 -8.63 -15.79
N PRO A 41 24.96 -9.05 -15.87
CA PRO A 41 25.36 -10.43 -15.57
C PRO A 41 25.47 -10.70 -14.07
N ILE A 42 24.38 -10.49 -13.34
CA ILE A 42 24.39 -10.66 -11.90
C ILE A 42 24.84 -12.06 -11.49
N ASP A 43 24.13 -13.07 -11.97
CA ASP A 43 24.42 -14.46 -11.60
C ASP A 43 25.91 -14.79 -11.77
N ASN A 44 26.50 -14.33 -12.85
CA ASN A 44 27.91 -14.60 -13.12
C ASN A 44 28.83 -13.94 -12.10
N ILE A 45 28.43 -12.75 -11.64
CA ILE A 45 29.19 -12.05 -10.62
C ILE A 45 29.16 -12.83 -9.31
N ILE A 46 28.03 -13.45 -9.04
CA ILE A 46 27.83 -14.22 -7.81
C ILE A 46 28.59 -15.54 -7.86
N ARG A 47 28.45 -16.26 -8.98
CA ARG A 47 29.09 -17.56 -9.14
C ARG A 47 30.60 -17.44 -9.20
N ALA A 48 31.09 -16.23 -9.44
CA ALA A 48 32.52 -15.97 -9.48
C ALA A 48 33.11 -15.89 -8.08
N GLY A 49 32.24 -15.70 -7.09
CA GLY A 49 32.66 -15.60 -5.70
C GLY A 49 33.27 -14.25 -5.39
N LEU A 50 32.64 -13.19 -5.90
CA LEU A 50 33.13 -11.83 -5.70
C LEU A 50 32.43 -11.13 -4.55
N ILE A 51 31.17 -11.47 -4.31
CA ILE A 51 30.38 -10.81 -3.28
C ILE A 51 31.14 -10.68 -1.96
N PRO A 52 31.73 -11.79 -1.47
CA PRO A 52 32.49 -11.72 -0.22
C PRO A 52 33.62 -10.70 -0.31
N LYS A 53 34.25 -10.59 -1.47
CA LYS A 53 35.37 -9.67 -1.67
C LYS A 53 34.85 -8.23 -1.75
N PHE A 54 33.66 -8.05 -2.31
CA PHE A 54 33.03 -6.74 -2.35
C PHE A 54 32.70 -6.27 -0.95
N VAL A 55 32.16 -7.17 -0.14
CA VAL A 55 31.77 -6.84 1.23
C VAL A 55 32.98 -6.41 2.06
N SER A 56 34.12 -7.05 1.82
CA SER A 56 35.34 -6.74 2.56
C SER A 56 35.89 -5.37 2.18
N PHE A 57 35.59 -4.93 0.96
CA PHE A 57 36.03 -3.62 0.49
C PHE A 57 35.25 -2.51 1.17
N LEU A 58 34.04 -2.83 1.63
CA LEU A 58 33.22 -1.87 2.34
C LEU A 58 33.90 -1.41 3.62
N GLY A 59 34.85 -2.21 4.10
CA GLY A 59 35.57 -1.89 5.32
C GLY A 59 36.80 -1.04 5.09
N LYS A 60 37.28 -0.99 3.85
CA LYS A 60 38.44 -0.18 3.51
C LYS A 60 38.13 1.30 3.68
N THR A 61 38.36 1.81 4.88
CA THR A 61 38.08 3.22 5.19
C THR A 61 39.05 4.14 4.48
N ASP A 62 40.33 3.78 4.50
CA ASP A 62 41.37 4.60 3.88
C ASP A 62 41.04 4.91 2.42
N CYS A 63 40.47 3.92 1.72
CA CYS A 63 40.08 4.10 0.33
C CYS A 63 38.55 4.19 0.22
N SER A 64 38.03 5.41 0.19
CA SER A 64 36.60 5.63 0.13
C SER A 64 36.02 5.36 -1.26
N PRO A 65 36.82 5.58 -2.32
CA PRO A 65 36.30 5.30 -3.67
C PRO A 65 35.80 3.87 -3.82
N ILE A 66 36.63 2.89 -3.44
CA ILE A 66 36.27 1.49 -3.61
C ILE A 66 35.09 1.12 -2.71
N GLN A 67 34.91 1.85 -1.61
CA GLN A 67 33.77 1.66 -0.74
C GLN A 67 32.48 2.01 -1.48
N PHE A 68 32.52 3.11 -2.22
CA PHE A 68 31.36 3.57 -2.98
C PHE A 68 31.08 2.64 -4.16
N GLU A 69 32.14 2.26 -4.87
CA GLU A 69 32.01 1.40 -6.03
C GLU A 69 31.39 0.05 -5.65
N SER A 70 31.83 -0.48 -4.50
CA SER A 70 31.36 -1.78 -4.04
C SER A 70 29.96 -1.70 -3.45
N ALA A 71 29.70 -0.62 -2.72
CA ALA A 71 28.36 -0.40 -2.17
C ALA A 71 27.36 -0.31 -3.32
N TRP A 72 27.67 0.50 -4.31
CA TRP A 72 26.86 0.60 -5.52
C TRP A 72 26.68 -0.78 -6.13
N ALA A 73 27.79 -1.48 -6.35
CA ALA A 73 27.75 -2.82 -6.95
C ALA A 73 26.77 -3.73 -6.22
N LEU A 74 27.01 -3.95 -4.93
CA LEU A 74 26.18 -4.84 -4.13
C LEU A 74 24.71 -4.40 -4.12
N THR A 75 24.49 -3.09 -4.14
CA THR A 75 23.13 -2.55 -4.13
C THR A 75 22.33 -3.12 -5.30
N ASN A 76 22.92 -3.12 -6.48
CA ASN A 76 22.26 -3.61 -7.68
C ASN A 76 22.07 -5.13 -7.63
N ILE A 77 23.00 -5.83 -7.00
CA ILE A 77 22.89 -7.27 -6.83
C ILE A 77 21.75 -7.61 -5.88
N ALA A 78 21.54 -6.75 -4.89
CA ALA A 78 20.49 -6.97 -3.90
C ALA A 78 19.11 -6.58 -4.44
N SER A 79 19.11 -5.83 -5.54
CA SER A 79 17.85 -5.38 -6.14
C SER A 79 17.22 -6.46 -7.01
N GLY A 80 17.92 -7.59 -7.16
CA GLY A 80 17.45 -8.67 -8.00
C GLY A 80 16.51 -9.63 -7.26
N THR A 81 16.56 -10.90 -7.65
CA THR A 81 15.69 -11.91 -7.06
C THR A 81 16.06 -12.16 -5.61
N SER A 82 15.18 -12.84 -4.88
CA SER A 82 15.42 -13.18 -3.49
C SER A 82 16.66 -14.03 -3.35
N GLU A 83 16.93 -14.85 -4.37
CA GLU A 83 18.09 -15.73 -4.37
C GLU A 83 19.37 -14.89 -4.48
N GLN A 84 19.30 -13.83 -5.27
CA GLN A 84 20.45 -12.94 -5.46
C GLN A 84 20.64 -12.02 -4.27
N THR A 85 19.54 -11.59 -3.66
CA THR A 85 19.60 -10.76 -2.46
C THR A 85 20.15 -11.58 -1.31
N LYS A 86 19.81 -12.87 -1.28
CA LYS A 86 20.28 -13.78 -0.26
C LYS A 86 21.80 -13.90 -0.32
N ALA A 87 22.36 -13.85 -1.52
CA ALA A 87 23.79 -13.97 -1.72
C ALA A 87 24.53 -12.81 -1.07
N VAL A 88 23.93 -11.62 -1.12
CA VAL A 88 24.54 -10.43 -0.55
C VAL A 88 24.55 -10.53 0.98
N VAL A 89 23.43 -10.98 1.54
CA VAL A 89 23.32 -11.16 2.98
C VAL A 89 24.25 -12.27 3.46
N ASP A 90 24.37 -13.32 2.66
CA ASP A 90 25.24 -14.45 3.00
C ASP A 90 26.70 -14.01 3.06
N GLY A 91 27.04 -12.98 2.29
CA GLY A 91 28.40 -12.48 2.26
C GLY A 91 28.73 -11.61 3.46
N GLY A 92 27.78 -11.46 4.37
CA GLY A 92 27.98 -10.64 5.56
C GLY A 92 27.99 -9.17 5.22
N ALA A 93 26.99 -8.73 4.46
CA ALA A 93 26.92 -7.35 3.99
C ALA A 93 26.12 -6.46 4.93
N ILE A 94 25.13 -7.04 5.60
CA ILE A 94 24.25 -6.28 6.48
C ILE A 94 25.04 -5.43 7.50
N PRO A 95 25.87 -6.09 8.33
CA PRO A 95 26.61 -5.34 9.35
C PRO A 95 27.62 -4.37 8.74
N ALA A 96 28.10 -4.68 7.54
CA ALA A 96 29.07 -3.83 6.87
C ALA A 96 28.43 -2.53 6.38
N PHE A 97 27.21 -2.65 5.86
CA PHE A 97 26.49 -1.48 5.36
C PHE A 97 26.05 -0.58 6.50
N ILE A 98 25.65 -1.18 7.62
CA ILE A 98 25.26 -0.42 8.79
C ILE A 98 26.43 0.42 9.30
N SER A 99 27.65 -0.08 9.07
CA SER A 99 28.85 0.65 9.47
C SER A 99 29.10 1.83 8.54
N LEU A 100 28.70 1.70 7.29
CA LEU A 100 28.88 2.77 6.30
C LEU A 100 27.89 3.91 6.51
N LEU A 101 26.84 3.66 7.29
CA LEU A 101 25.86 4.69 7.58
C LEU A 101 26.49 5.82 8.40
N ALA A 102 27.64 5.54 9.01
CA ALA A 102 28.35 6.55 9.79
C ALA A 102 29.51 7.15 8.99
N SER A 103 29.56 6.84 7.70
CA SER A 103 30.64 7.34 6.84
C SER A 103 30.53 8.85 6.68
N PRO A 104 31.68 9.55 6.64
CA PRO A 104 31.67 11.00 6.45
C PRO A 104 31.15 11.41 5.07
N HIS A 105 31.33 10.53 4.09
CA HIS A 105 30.89 10.82 2.73
C HIS A 105 29.41 10.49 2.57
N ALA A 106 28.60 11.53 2.35
CA ALA A 106 27.16 11.37 2.23
C ALA A 106 26.79 10.43 1.09
N HIS A 107 27.50 10.54 -0.03
CA HIS A 107 27.19 9.75 -1.21
C HIS A 107 27.46 8.26 -0.96
N ILE A 108 28.35 7.96 -0.01
CA ILE A 108 28.64 6.58 0.36
C ILE A 108 27.59 6.06 1.34
N SER A 109 27.27 6.86 2.35
CA SER A 109 26.27 6.47 3.33
C SER A 109 24.90 6.33 2.69
N GLU A 110 24.68 7.07 1.60
CA GLU A 110 23.43 7.00 0.88
C GLU A 110 23.32 5.64 0.19
N GLN A 111 24.45 5.09 -0.22
CA GLN A 111 24.49 3.77 -0.84
C GLN A 111 24.18 2.70 0.19
N ALA A 112 24.65 2.88 1.42
CA ALA A 112 24.36 1.95 2.50
C ALA A 112 22.86 1.95 2.78
N VAL A 113 22.27 3.14 2.77
CA VAL A 113 20.83 3.28 2.94
C VAL A 113 20.10 2.61 1.78
N TRP A 114 20.60 2.83 0.57
CA TRP A 114 20.00 2.26 -0.63
C TRP A 114 20.07 0.73 -0.57
N ALA A 115 21.25 0.21 -0.25
CA ALA A 115 21.47 -1.23 -0.19
C ALA A 115 20.57 -1.87 0.86
N LEU A 116 20.70 -1.42 2.10
CA LEU A 116 19.88 -1.93 3.20
C LEU A 116 18.40 -1.88 2.84
N GLY A 117 18.03 -0.92 1.98
CA GLY A 117 16.67 -0.81 1.51
C GLY A 117 16.27 -2.01 0.67
N ASN A 118 17.13 -2.38 -0.27
CA ASN A 118 16.88 -3.55 -1.12
C ASN A 118 16.81 -4.83 -0.30
N ILE A 119 17.68 -4.93 0.70
CA ILE A 119 17.75 -6.12 1.54
C ILE A 119 16.46 -6.30 2.34
N ALA A 120 16.07 -5.25 3.05
CA ALA A 120 14.87 -5.29 3.88
C ALA A 120 13.61 -5.39 3.01
N GLY A 121 13.69 -4.86 1.79
CA GLY A 121 12.56 -4.87 0.88
C GLY A 121 12.26 -6.25 0.33
N ASP A 122 13.20 -7.18 0.50
CA ASP A 122 13.03 -8.55 0.01
C ASP A 122 11.84 -9.22 0.67
N GLY A 123 11.88 -9.29 2.01
CA GLY A 123 10.81 -9.94 2.76
C GLY A 123 10.88 -9.62 4.24
N SER A 124 10.10 -10.35 5.03
CA SER A 124 10.04 -10.13 6.47
C SER A 124 11.29 -10.67 7.16
N ALA A 125 11.80 -11.80 6.69
CA ALA A 125 12.97 -12.43 7.28
C ALA A 125 14.16 -11.48 7.29
N PHE A 126 14.49 -10.94 6.11
CA PHE A 126 15.61 -10.01 5.99
C PHE A 126 15.30 -8.68 6.65
N ARG A 127 14.03 -8.27 6.58
CA ARG A 127 13.60 -7.04 7.25
C ARG A 127 13.94 -7.10 8.72
N ASP A 128 13.61 -8.23 9.36
CA ASP A 128 13.86 -8.41 10.79
C ASP A 128 15.34 -8.56 11.07
N LEU A 129 16.08 -9.15 10.14
CA LEU A 129 17.51 -9.35 10.31
C LEU A 129 18.26 -8.02 10.26
N VAL A 130 17.85 -7.15 9.34
CA VAL A 130 18.42 -5.82 9.24
C VAL A 130 18.15 -5.04 10.52
N ILE A 131 16.97 -5.27 11.10
CA ILE A 131 16.59 -4.61 12.35
C ILE A 131 17.39 -5.15 13.53
N LYS A 132 17.61 -6.47 13.53
CA LYS A 132 18.35 -7.12 14.63
C LYS A 132 19.82 -6.69 14.64
N HIS A 133 20.35 -6.37 13.46
CA HIS A 133 21.73 -5.90 13.38
C HIS A 133 21.86 -4.46 13.88
N GLY A 134 20.73 -3.82 14.18
CA GLY A 134 20.73 -2.47 14.70
C GLY A 134 20.95 -1.45 13.61
N ALA A 135 20.07 -1.46 12.62
CA ALA A 135 20.17 -0.53 11.50
C ALA A 135 19.24 0.66 11.66
N ILE A 136 18.32 0.57 12.61
CA ILE A 136 17.33 1.63 12.81
C ILE A 136 17.92 2.87 13.46
N ASP A 137 18.74 2.68 14.49
CA ASP A 137 19.33 3.82 15.19
C ASP A 137 20.19 4.68 14.26
N PRO A 138 21.09 4.04 13.49
CA PRO A 138 21.88 4.79 12.52
C PRO A 138 21.02 5.55 11.51
N LEU A 139 20.06 4.85 10.91
CA LEU A 139 19.18 5.45 9.91
C LEU A 139 18.47 6.68 10.46
N LEU A 140 17.81 6.53 11.60
CA LEU A 140 17.06 7.62 12.22
C LEU A 140 17.98 8.77 12.59
N ALA A 141 19.23 8.46 12.92
CA ALA A 141 20.20 9.47 13.32
C ALA A 141 20.54 10.38 12.14
N LEU A 142 20.43 9.86 10.92
CA LEU A 142 20.72 10.63 9.72
C LEU A 142 19.66 11.68 9.46
N LEU A 143 18.51 11.55 10.13
CA LEU A 143 17.42 12.50 9.96
C LEU A 143 17.26 13.38 11.20
N ALA A 144 18.22 13.31 12.11
CA ALA A 144 18.17 14.10 13.33
C ALA A 144 18.69 15.52 13.09
N VAL A 145 17.94 16.29 12.30
CA VAL A 145 18.31 17.67 12.02
C VAL A 145 17.11 18.59 12.24
N PRO A 146 17.38 19.86 12.58
CA PRO A 146 16.31 20.85 12.79
C PRO A 146 15.33 20.92 11.64
N ASP A 147 15.85 20.99 10.41
CA ASP A 147 15.01 21.11 9.23
C ASP A 147 15.44 20.12 8.15
N LEU A 148 14.48 19.32 7.66
CA LEU A 148 14.77 18.32 6.65
C LEU A 148 15.16 18.94 5.30
N SER A 149 14.71 20.16 5.07
CA SER A 149 14.97 20.83 3.79
C SER A 149 16.46 21.01 3.54
N THR A 150 17.24 21.14 4.60
CA THR A 150 18.68 21.34 4.48
C THR A 150 19.36 20.09 3.92
N LEU A 151 18.73 18.94 4.11
CA LEU A 151 19.27 17.69 3.59
C LEU A 151 19.08 17.59 2.09
N ALA A 152 19.95 16.86 1.43
CA ALA A 152 19.87 16.67 -0.02
C ALA A 152 18.55 16.01 -0.39
N CYS A 153 17.97 16.43 -1.52
CA CYS A 153 16.68 15.91 -1.96
C CYS A 153 16.70 14.40 -2.11
N GLY A 154 17.54 13.91 -3.02
CA GLY A 154 17.64 12.49 -3.29
C GLY A 154 18.04 11.69 -2.05
N TYR A 155 18.86 12.30 -1.21
CA TYR A 155 19.33 11.65 0.01
C TYR A 155 18.17 11.41 0.97
N LEU A 156 17.27 12.38 1.05
CA LEU A 156 16.11 12.28 1.94
C LEU A 156 15.08 11.30 1.38
N ARG A 157 15.00 11.23 0.05
CA ARG A 157 14.06 10.33 -0.61
C ARG A 157 14.41 8.87 -0.37
N ASN A 158 15.70 8.54 -0.55
CA ASN A 158 16.16 7.17 -0.37
C ASN A 158 16.06 6.72 1.09
N LEU A 159 16.27 7.65 2.01
CA LEU A 159 16.14 7.34 3.44
C LEU A 159 14.69 7.00 3.77
N THR A 160 13.77 7.80 3.24
CA THR A 160 12.34 7.56 3.46
C THR A 160 11.93 6.23 2.87
N TRP A 161 12.40 5.96 1.65
CA TRP A 161 12.07 4.72 0.95
C TRP A 161 12.54 3.50 1.74
N THR A 162 13.73 3.59 2.31
CA THR A 162 14.29 2.49 3.11
C THR A 162 13.47 2.26 4.36
N LEU A 163 13.08 3.35 5.04
CA LEU A 163 12.29 3.25 6.25
C LEU A 163 10.92 2.62 5.97
N SER A 164 10.36 2.92 4.81
CA SER A 164 9.05 2.38 4.42
C SER A 164 9.14 0.88 4.18
N ASN A 165 10.32 0.40 3.80
CA ASN A 165 10.53 -1.03 3.58
C ASN A 165 10.70 -1.78 4.91
N LEU A 166 11.13 -1.07 5.95
CA LEU A 166 11.26 -1.66 7.27
C LEU A 166 9.89 -1.75 7.95
N CYS A 167 8.89 -1.13 7.34
CA CYS A 167 7.52 -1.19 7.84
C CYS A 167 6.65 -2.02 6.91
N ARG A 168 7.27 -2.62 5.90
CA ARG A 168 6.54 -3.35 4.85
C ARG A 168 6.39 -4.81 5.21
N ASN A 169 5.57 -5.53 4.43
CA ASN A 169 5.34 -6.96 4.64
C ASN A 169 4.55 -7.23 5.92
N LYS A 170 3.80 -8.32 5.93
CA LYS A 170 2.85 -8.59 7.01
C LYS A 170 3.11 -9.87 7.80
N ASN A 171 3.65 -10.89 7.15
CA ASN A 171 3.83 -12.19 7.79
C ASN A 171 5.30 -12.54 8.04
N PRO A 172 5.81 -12.21 9.24
CA PRO A 172 5.13 -11.48 10.30
C PRO A 172 5.27 -9.97 10.13
N ALA A 173 4.49 -9.20 10.88
CA ALA A 173 4.58 -7.75 10.84
C ALA A 173 5.80 -7.29 11.61
N PRO A 174 6.32 -6.10 11.29
CA PRO A 174 7.51 -5.56 11.96
C PRO A 174 7.35 -5.53 13.48
N PRO A 175 8.44 -5.71 14.22
CA PRO A 175 8.41 -5.66 15.69
C PRO A 175 7.77 -4.38 16.21
N LEU A 176 6.89 -4.49 17.19
CA LEU A 176 6.21 -3.34 17.76
C LEU A 176 7.21 -2.30 18.25
N ASP A 177 8.24 -2.76 18.94
CA ASP A 177 9.26 -1.87 19.48
C ASP A 177 9.98 -1.11 18.36
N ALA A 178 10.06 -1.73 17.19
CA ALA A 178 10.71 -1.12 16.04
C ALA A 178 9.79 -0.10 15.37
N VAL A 179 8.50 -0.40 15.34
CA VAL A 179 7.53 0.49 14.73
C VAL A 179 7.40 1.78 15.53
N GLU A 180 7.37 1.65 16.86
CA GLU A 180 7.33 2.81 17.73
C GLU A 180 8.58 3.66 17.58
N GLN A 181 9.69 3.00 17.27
CA GLN A 181 10.99 3.66 17.14
C GLN A 181 11.03 4.52 15.88
N ILE A 182 10.25 4.14 14.87
CA ILE A 182 10.28 4.80 13.58
C ILE A 182 9.15 5.81 13.39
N LEU A 183 7.99 5.52 13.97
CA LEU A 183 6.81 6.35 13.78
C LEU A 183 7.10 7.85 13.94
N PRO A 184 7.66 8.25 15.08
CA PRO A 184 7.92 9.67 15.33
C PRO A 184 8.62 10.36 14.16
N THR A 185 9.58 9.68 13.55
CA THR A 185 10.31 10.22 12.42
C THR A 185 9.45 10.15 11.16
N LEU A 186 8.60 9.12 11.10
CA LEU A 186 7.72 8.93 9.95
C LEU A 186 6.66 10.02 9.90
N VAL A 187 6.17 10.42 11.07
CA VAL A 187 5.20 11.50 11.16
C VAL A 187 5.82 12.81 10.72
N ARG A 188 7.12 12.94 10.97
CA ARG A 188 7.87 14.14 10.60
C ARG A 188 8.08 14.18 9.09
N LEU A 189 8.38 13.03 8.49
CA LEU A 189 8.53 12.92 7.04
C LEU A 189 7.19 13.13 6.35
N LEU A 190 6.10 12.98 7.09
CA LEU A 190 4.76 13.08 6.54
C LEU A 190 4.32 14.54 6.39
N HIS A 191 5.18 15.47 6.79
CA HIS A 191 4.88 16.89 6.69
C HIS A 191 5.88 17.64 5.80
N HIS A 192 6.78 16.89 5.16
CA HIS A 192 7.78 17.50 4.31
C HIS A 192 7.16 17.94 2.98
N ASN A 193 7.77 18.94 2.34
CA ASN A 193 7.19 19.53 1.14
C ASN A 193 7.41 18.70 -0.12
N ASP A 194 8.40 17.82 -0.10
CA ASP A 194 8.71 17.00 -1.28
C ASP A 194 7.64 15.92 -1.47
N PRO A 195 7.16 15.75 -2.71
CA PRO A 195 6.08 14.80 -3.00
C PRO A 195 6.51 13.34 -2.88
N GLU A 196 7.71 13.01 -3.34
CA GLU A 196 8.20 11.64 -3.27
C GLU A 196 8.37 11.20 -1.83
N VAL A 197 8.70 12.14 -0.95
CA VAL A 197 8.84 11.86 0.47
C VAL A 197 7.47 11.60 1.09
N LEU A 198 6.48 12.39 0.68
CA LEU A 198 5.12 12.24 1.16
C LEU A 198 4.51 10.94 0.67
N ALA A 199 4.84 10.57 -0.58
CA ALA A 199 4.31 9.35 -1.17
C ALA A 199 4.79 8.12 -0.41
N ASP A 200 6.10 7.97 -0.30
CA ASP A 200 6.69 6.84 0.42
C ASP A 200 6.28 6.85 1.89
N SER A 201 6.13 8.04 2.45
CA SER A 201 5.71 8.18 3.84
C SER A 201 4.30 7.63 4.03
N CYS A 202 3.43 7.92 3.07
CA CYS A 202 2.05 7.44 3.13
C CYS A 202 2.01 5.92 2.94
N TRP A 203 2.90 5.40 2.10
CA TRP A 203 3.00 3.97 1.89
C TRP A 203 3.50 3.27 3.15
N ALA A 204 4.44 3.91 3.84
CA ALA A 204 4.96 3.37 5.09
C ALA A 204 3.83 3.25 6.11
N ILE A 205 2.99 4.27 6.18
CA ILE A 205 1.85 4.27 7.09
C ILE A 205 0.84 3.21 6.69
N SER A 206 0.56 3.13 5.39
CA SER A 206 -0.43 2.18 4.89
C SER A 206 -0.04 0.74 5.22
N TYR A 207 1.25 0.51 5.39
CA TYR A 207 1.75 -0.82 5.74
C TYR A 207 1.45 -1.13 7.20
N LEU A 208 1.70 -0.14 8.07
CA LEU A 208 1.51 -0.31 9.51
C LEU A 208 0.04 -0.47 9.87
N THR A 209 -0.80 0.36 9.25
CA THR A 209 -2.24 0.32 9.53
C THR A 209 -2.85 -0.99 9.03
N ASP A 210 -2.20 -1.62 8.06
CA ASP A 210 -2.67 -2.90 7.53
C ASP A 210 -2.44 -4.01 8.55
N GLY A 211 -3.49 -4.35 9.29
CA GLY A 211 -3.40 -5.39 10.30
C GLY A 211 -4.43 -5.21 11.39
N PRO A 212 -4.20 -5.84 12.55
CA PRO A 212 -5.10 -5.76 13.71
C PRO A 212 -5.36 -4.32 14.16
N ASN A 213 -6.31 -4.14 15.07
CA ASN A 213 -6.67 -2.82 15.56
C ASN A 213 -5.58 -2.22 16.44
N GLU A 214 -4.80 -3.09 17.08
CA GLU A 214 -3.72 -2.64 17.95
C GLU A 214 -2.65 -1.92 17.12
N ARG A 215 -2.42 -2.42 15.91
CA ARG A 215 -1.47 -1.81 14.99
C ARG A 215 -2.00 -0.47 14.50
N ILE A 216 -3.28 -0.45 14.13
CA ILE A 216 -3.93 0.77 13.66
C ILE A 216 -3.94 1.82 14.76
N GLU A 217 -4.10 1.39 16.00
CA GLU A 217 -4.23 2.30 17.14
C GLU A 217 -2.96 3.12 17.36
N MET A 218 -1.82 2.43 17.44
CA MET A 218 -0.56 3.10 17.71
C MET A 218 -0.23 4.13 16.63
N VAL A 219 -0.82 3.97 15.46
CA VAL A 219 -0.64 4.93 14.37
C VAL A 219 -1.62 6.09 14.51
N VAL A 220 -2.85 5.78 14.92
CA VAL A 220 -3.88 6.78 15.10
C VAL A 220 -3.55 7.68 16.29
N LYS A 221 -2.97 7.11 17.33
CA LYS A 221 -2.64 7.86 18.54
C LYS A 221 -1.52 8.86 18.31
N LYS A 222 -0.83 8.73 17.18
CA LYS A 222 0.24 9.67 16.83
C LYS A 222 -0.35 10.94 16.19
N GLY A 223 -1.64 10.91 15.91
CA GLY A 223 -2.32 12.08 15.35
C GLY A 223 -1.89 12.38 13.94
N VAL A 224 -1.98 11.38 13.06
CA VAL A 224 -1.61 11.55 11.66
C VAL A 224 -2.83 11.56 10.74
N VAL A 225 -3.96 11.09 11.26
CA VAL A 225 -5.19 11.02 10.47
C VAL A 225 -5.51 12.37 9.81
N PRO A 226 -5.44 13.46 10.59
CA PRO A 226 -5.68 14.78 10.01
C PRO A 226 -4.75 15.08 8.83
N GLN A 227 -3.48 14.73 8.98
CA GLN A 227 -2.50 14.98 7.94
C GLN A 227 -2.77 14.11 6.71
N LEU A 228 -3.29 12.91 6.93
CA LEU A 228 -3.61 12.01 5.83
C LEU A 228 -4.80 12.54 5.03
N VAL A 229 -5.81 13.03 5.74
CA VAL A 229 -6.97 13.63 5.09
C VAL A 229 -6.54 14.84 4.26
N LYS A 230 -5.53 15.54 4.75
CA LYS A 230 -4.99 16.69 4.03
C LYS A 230 -4.27 16.23 2.77
N LEU A 231 -3.55 15.12 2.88
CA LEU A 231 -2.85 14.53 1.73
C LEU A 231 -3.84 13.79 0.84
N LEU A 232 -4.98 13.43 1.40
CA LEU A 232 -6.01 12.71 0.64
C LEU A 232 -6.56 13.58 -0.49
N GLY A 233 -6.43 14.89 -0.33
CA GLY A 233 -6.92 15.83 -1.34
C GLY A 233 -5.80 16.44 -2.15
N ALA A 234 -4.68 15.75 -2.24
CA ALA A 234 -3.53 16.21 -3.01
C ALA A 234 -3.80 16.10 -4.51
N THR A 235 -2.99 16.79 -5.30
CA THR A 235 -3.14 16.77 -6.75
C THR A 235 -2.42 15.56 -7.35
N GLU A 236 -1.30 15.19 -6.76
CA GLU A 236 -0.48 14.09 -7.26
C GLU A 236 -1.13 12.75 -6.93
N LEU A 237 -1.47 11.99 -7.97
CA LEU A 237 -2.08 10.68 -7.80
C LEU A 237 -1.21 9.76 -6.96
N PRO A 238 0.12 9.79 -7.20
CA PRO A 238 1.05 8.97 -6.40
C PRO A 238 0.94 9.24 -4.90
N ILE A 239 0.48 10.42 -4.54
CA ILE A 239 0.33 10.78 -3.12
C ILE A 239 -1.05 10.42 -2.58
N VAL A 240 -2.06 10.58 -3.41
CA VAL A 240 -3.43 10.30 -3.01
C VAL A 240 -3.66 8.80 -2.84
N THR A 241 -3.00 8.00 -3.68
CA THR A 241 -3.17 6.55 -3.67
C THR A 241 -2.88 5.95 -2.29
N PRO A 242 -1.65 6.13 -1.79
CA PRO A 242 -1.29 5.56 -0.48
C PRO A 242 -2.09 6.18 0.67
N ALA A 243 -2.41 7.47 0.54
CA ALA A 243 -3.18 8.16 1.56
C ALA A 243 -4.56 7.53 1.68
N LEU A 244 -5.17 7.19 0.54
CA LEU A 244 -6.48 6.55 0.53
C LEU A 244 -6.39 5.14 1.08
N ARG A 245 -5.29 4.47 0.81
CA ARG A 245 -5.06 3.12 1.33
C ARG A 245 -4.94 3.15 2.85
N ALA A 246 -4.19 4.11 3.36
CA ALA A 246 -4.00 4.26 4.80
C ALA A 246 -5.35 4.48 5.48
N ILE A 247 -6.08 5.50 5.05
CA ILE A 247 -7.39 5.78 5.59
C ILE A 247 -8.30 4.58 5.44
N GLY A 248 -8.17 3.88 4.32
CA GLY A 248 -8.96 2.69 4.05
C GLY A 248 -8.71 1.58 5.04
N ASN A 249 -7.47 1.51 5.54
CA ASN A 249 -7.10 0.49 6.52
C ASN A 249 -7.54 0.87 7.93
N ILE A 250 -7.52 2.17 8.22
CA ILE A 250 -7.86 2.65 9.55
C ILE A 250 -9.34 2.44 9.85
N VAL A 251 -10.18 2.49 8.82
CA VAL A 251 -11.62 2.36 9.01
C VAL A 251 -12.07 0.90 9.10
N THR A 252 -11.13 -0.03 8.95
CA THR A 252 -11.44 -1.45 9.08
C THR A 252 -11.45 -1.86 10.55
N GLY A 253 -10.87 -1.01 11.39
CA GLY A 253 -10.76 -1.30 12.82
C GLY A 253 -12.03 -0.94 13.57
N THR A 254 -11.86 -0.51 14.82
CA THR A 254 -12.99 -0.17 15.68
C THR A 254 -13.75 1.04 15.14
N ASP A 255 -15.00 1.17 15.56
CA ASP A 255 -15.81 2.31 15.15
C ASP A 255 -15.27 3.61 15.73
N GLU A 256 -14.48 3.50 16.79
CA GLU A 256 -13.85 4.67 17.39
C GLU A 256 -12.72 5.16 16.50
N GLN A 257 -11.94 4.21 15.99
CA GLN A 257 -10.86 4.53 15.04
C GLN A 257 -11.45 5.07 13.75
N THR A 258 -12.59 4.51 13.34
CA THR A 258 -13.29 4.96 12.15
C THR A 258 -13.82 6.37 12.32
N GLN A 259 -14.20 6.71 13.56
CA GLN A 259 -14.75 8.02 13.85
C GLN A 259 -13.70 9.11 13.71
N LYS A 260 -12.44 8.75 13.93
CA LYS A 260 -11.35 9.71 13.87
C LYS A 260 -11.13 10.28 12.47
N VAL A 261 -11.34 9.45 11.45
CA VAL A 261 -11.15 9.88 10.07
C VAL A 261 -12.32 10.75 9.62
N ILE A 262 -13.47 10.54 10.26
CA ILE A 262 -14.65 11.34 9.97
C ILE A 262 -14.50 12.73 10.57
N ASP A 263 -14.03 12.79 11.82
CA ASP A 263 -13.80 14.05 12.51
C ASP A 263 -12.76 14.88 11.77
N ALA A 264 -11.84 14.20 11.10
CA ALA A 264 -10.79 14.88 10.36
C ALA A 264 -11.34 15.59 9.12
N GLY A 265 -12.47 15.09 8.62
CA GLY A 265 -13.11 15.68 7.46
C GLY A 265 -12.80 14.94 6.19
N ALA A 266 -12.68 13.62 6.29
CA ALA A 266 -12.34 12.78 5.14
C ALA A 266 -13.50 12.72 4.14
N LEU A 267 -14.72 12.63 4.65
CA LEU A 267 -15.90 12.45 3.80
C LEU A 267 -16.10 13.60 2.82
N ALA A 268 -15.50 14.75 3.10
CA ALA A 268 -15.64 15.92 2.25
C ALA A 268 -14.83 15.77 0.96
N VAL A 269 -13.97 14.76 0.90
CA VAL A 269 -13.10 14.55 -0.25
C VAL A 269 -13.68 13.49 -1.19
N PHE A 270 -14.58 12.65 -0.67
CA PHE A 270 -15.09 11.51 -1.41
C PHE A 270 -15.91 11.88 -2.65
N PRO A 271 -16.51 13.08 -2.68
CA PRO A 271 -17.19 13.48 -3.91
C PRO A 271 -16.25 13.43 -5.12
N SER A 272 -14.96 13.63 -4.87
CA SER A 272 -13.95 13.57 -5.92
C SER A 272 -13.39 12.17 -6.07
N LEU A 273 -13.24 11.46 -4.95
CA LEU A 273 -12.67 10.12 -4.95
C LEU A 273 -13.61 9.12 -5.63
N LEU A 274 -14.90 9.25 -5.37
CA LEU A 274 -15.89 8.33 -5.92
C LEU A 274 -16.14 8.59 -7.40
N THR A 275 -15.63 9.70 -7.91
CA THR A 275 -15.74 10.02 -9.33
C THR A 275 -14.36 10.28 -9.93
N ASN A 276 -13.32 9.85 -9.21
CA ASN A 276 -11.95 10.05 -9.67
C ASN A 276 -11.70 9.35 -11.00
N PRO A 277 -11.02 10.03 -11.93
CA PRO A 277 -10.75 9.45 -13.26
C PRO A 277 -10.15 8.06 -13.18
N LYS A 278 -9.11 7.89 -12.37
CA LYS A 278 -8.47 6.59 -12.22
C LYS A 278 -9.44 5.58 -11.61
N THR A 279 -9.50 4.39 -12.20
CA THR A 279 -10.46 3.38 -11.78
C THR A 279 -10.16 2.84 -10.39
N ASN A 280 -8.89 2.59 -10.10
CA ASN A 280 -8.50 2.02 -8.81
C ASN A 280 -8.79 2.96 -7.64
N ILE A 281 -8.73 4.27 -7.90
CA ILE A 281 -9.05 5.25 -6.86
C ILE A 281 -10.52 5.12 -6.45
N GLN A 282 -11.38 4.87 -7.42
CA GLN A 282 -12.80 4.69 -7.14
C GLN A 282 -13.02 3.39 -6.37
N LYS A 283 -12.28 2.35 -6.74
CA LYS A 283 -12.41 1.05 -6.09
C LYS A 283 -11.96 1.13 -4.63
N GLU A 284 -10.84 1.82 -4.40
CA GLU A 284 -10.32 1.99 -3.05
C GLU A 284 -11.25 2.90 -2.24
N ALA A 285 -11.77 3.93 -2.90
CA ALA A 285 -12.67 4.88 -2.25
C ALA A 285 -13.96 4.20 -1.81
N THR A 286 -14.57 3.46 -2.74
CA THR A 286 -15.82 2.77 -2.46
C THR A 286 -15.61 1.70 -1.41
N TRP A 287 -14.44 1.06 -1.44
CA TRP A 287 -14.09 0.05 -0.46
C TRP A 287 -13.98 0.66 0.93
N THR A 288 -13.49 1.90 0.99
CA THR A 288 -13.39 2.62 2.25
C THR A 288 -14.78 3.00 2.75
N MET A 289 -15.65 3.37 1.82
CA MET A 289 -17.01 3.77 2.17
C MET A 289 -17.79 2.60 2.76
N SER A 290 -17.53 1.40 2.26
CA SER A 290 -18.23 0.21 2.74
C SER A 290 -17.88 -0.11 4.19
N ASN A 291 -16.69 0.31 4.61
CA ASN A 291 -16.25 0.09 5.98
C ASN A 291 -16.74 1.19 6.92
N ILE A 292 -17.35 2.23 6.34
CA ILE A 292 -17.93 3.31 7.13
C ILE A 292 -19.43 3.10 7.29
N THR A 293 -20.07 2.61 6.24
CA THR A 293 -21.49 2.30 6.28
C THR A 293 -21.74 1.07 7.16
N ALA A 294 -20.67 0.35 7.49
CA ALA A 294 -20.77 -0.83 8.33
C ALA A 294 -20.53 -0.48 9.81
N GLY A 295 -20.56 0.81 10.12
CA GLY A 295 -20.35 1.27 11.49
C GLY A 295 -21.64 1.55 12.20
N ARG A 296 -21.64 2.57 13.05
CA ARG A 296 -22.83 2.95 13.80
C ARG A 296 -23.87 3.55 12.87
N GLN A 297 -24.95 4.08 13.45
CA GLN A 297 -25.99 4.72 12.67
C GLN A 297 -25.71 6.21 12.51
N ASP A 298 -25.13 6.83 13.53
CA ASP A 298 -24.76 8.24 13.46
C ASP A 298 -23.59 8.41 12.48
N GLN A 299 -22.84 7.34 12.27
CA GLN A 299 -21.76 7.36 11.28
C GLN A 299 -22.32 7.24 9.88
N ILE A 300 -23.32 6.40 9.71
CA ILE A 300 -24.02 6.29 8.44
C ILE A 300 -24.68 7.62 8.10
N GLN A 301 -25.11 8.33 9.13
CA GLN A 301 -25.74 9.65 8.95
C GLN A 301 -24.75 10.66 8.39
N GLN A 302 -23.51 10.61 8.87
CA GLN A 302 -22.47 11.49 8.36
C GLN A 302 -22.36 11.35 6.86
N VAL A 303 -22.40 10.11 6.38
CA VAL A 303 -22.34 9.84 4.95
C VAL A 303 -23.54 10.46 4.23
N VAL A 304 -24.70 10.39 4.87
CA VAL A 304 -25.92 10.96 4.32
C VAL A 304 -25.85 12.48 4.30
N ASN A 305 -25.29 13.07 5.36
CA ASN A 305 -25.20 14.51 5.48
C ASN A 305 -24.27 15.12 4.44
N HIS A 306 -23.22 14.38 4.07
CA HIS A 306 -22.27 14.85 3.07
C HIS A 306 -22.78 14.61 1.66
N GLY A 307 -24.00 14.10 1.55
CA GLY A 307 -24.59 13.83 0.25
C GLY A 307 -23.74 12.86 -0.57
N LEU A 308 -23.24 11.82 0.08
CA LEU A 308 -22.41 10.83 -0.57
C LEU A 308 -23.22 9.64 -1.06
N VAL A 309 -24.50 9.59 -0.67
CA VAL A 309 -25.38 8.50 -1.09
C VAL A 309 -25.58 8.53 -2.61
N PRO A 310 -25.91 9.71 -3.16
CA PRO A 310 -26.05 9.82 -4.62
C PRO A 310 -24.81 9.32 -5.35
N PHE A 311 -23.63 9.58 -4.78
CA PHE A 311 -22.38 9.14 -5.38
C PHE A 311 -22.27 7.62 -5.37
N LEU A 312 -22.72 7.00 -4.28
CA LEU A 312 -22.73 5.54 -4.18
C LEU A 312 -23.68 4.96 -5.22
N VAL A 313 -24.75 5.68 -5.52
CA VAL A 313 -25.70 5.26 -6.55
C VAL A 313 -25.06 5.36 -7.92
N GLY A 314 -24.34 6.45 -8.15
CA GLY A 314 -23.67 6.67 -9.43
C GLY A 314 -22.58 5.64 -9.67
N VAL A 315 -21.84 5.29 -8.62
CA VAL A 315 -20.78 4.30 -8.72
C VAL A 315 -21.39 2.90 -8.89
N LEU A 316 -22.55 2.68 -8.28
CA LEU A 316 -23.25 1.41 -8.40
C LEU A 316 -23.86 1.27 -9.79
N SER A 317 -24.07 2.41 -10.45
CA SER A 317 -24.74 2.43 -11.75
C SER A 317 -23.76 2.29 -12.92
N LYS A 318 -22.66 3.03 -12.86
CA LYS A 318 -21.71 3.07 -13.98
C LYS A 318 -20.27 3.19 -13.48
N ALA A 319 -19.56 2.08 -13.50
CA ALA A 319 -18.18 2.04 -13.05
C ALA A 319 -17.55 0.69 -13.37
N ASP A 320 -16.24 0.56 -13.13
CA ASP A 320 -15.56 -0.71 -13.28
C ASP A 320 -16.19 -1.73 -12.36
N PHE A 321 -16.40 -2.95 -12.86
CA PHE A 321 -17.09 -3.98 -12.09
C PHE A 321 -16.51 -4.14 -10.68
N LYS A 322 -15.19 -4.15 -10.58
CA LYS A 322 -14.53 -4.28 -9.29
C LYS A 322 -15.01 -3.19 -8.35
N THR A 323 -15.21 -1.99 -8.87
CA THR A 323 -15.71 -0.88 -8.07
C THR A 323 -17.19 -1.08 -7.76
N GLN A 324 -17.94 -1.58 -8.73
CA GLN A 324 -19.36 -1.82 -8.56
C GLN A 324 -19.61 -2.90 -7.51
N LYS A 325 -18.66 -3.82 -7.37
CA LYS A 325 -18.78 -4.88 -6.37
C LYS A 325 -18.58 -4.31 -4.98
N GLU A 326 -17.68 -3.34 -4.86
CA GLU A 326 -17.45 -2.65 -3.60
C GLU A 326 -18.66 -1.80 -3.24
N ALA A 327 -19.32 -1.28 -4.27
CA ALA A 327 -20.53 -0.49 -4.07
C ALA A 327 -21.62 -1.35 -3.45
N ALA A 328 -21.79 -2.56 -3.98
CA ALA A 328 -22.78 -3.49 -3.45
C ALA A 328 -22.53 -3.75 -1.97
N TRP A 329 -21.27 -3.95 -1.61
CA TRP A 329 -20.90 -4.18 -0.22
C TRP A 329 -21.27 -2.98 0.65
N ALA A 330 -21.05 -1.78 0.12
CA ALA A 330 -21.35 -0.55 0.85
C ALA A 330 -22.84 -0.46 1.14
N ILE A 331 -23.66 -0.76 0.13
CA ILE A 331 -25.11 -0.72 0.29
C ILE A 331 -25.57 -1.76 1.29
N THR A 332 -25.06 -2.98 1.16
CA THR A 332 -25.45 -4.07 2.04
C THR A 332 -25.22 -3.72 3.50
N ASN A 333 -24.03 -3.18 3.81
CA ASN A 333 -23.70 -2.78 5.16
C ASN A 333 -24.55 -1.58 5.59
N TYR A 334 -24.95 -0.77 4.61
CA TYR A 334 -25.76 0.41 4.87
C TYR A 334 -27.19 0.05 5.24
N THR A 335 -27.70 -1.03 4.64
CA THR A 335 -29.08 -1.45 4.85
C THR A 335 -29.24 -2.37 6.05
N SER A 336 -28.14 -2.93 6.53
CA SER A 336 -28.20 -3.90 7.62
C SER A 336 -28.12 -3.22 9.00
N GLY A 337 -27.39 -2.11 9.07
CA GLY A 337 -27.20 -1.40 10.32
C GLY A 337 -27.92 -0.07 10.37
N GLY A 338 -28.33 0.42 9.20
CA GLY A 338 -29.01 1.70 9.11
C GLY A 338 -30.43 1.65 9.63
N THR A 339 -30.98 2.81 9.98
CA THR A 339 -32.34 2.91 10.46
C THR A 339 -33.32 2.80 9.30
N VAL A 340 -34.60 2.80 9.60
CA VAL A 340 -35.63 2.75 8.57
C VAL A 340 -35.61 4.04 7.76
N GLU A 341 -35.54 5.16 8.46
CA GLU A 341 -35.50 6.47 7.82
C GLU A 341 -34.30 6.58 6.88
N GLN A 342 -33.21 5.92 7.24
CA GLN A 342 -31.99 5.96 6.43
C GLN A 342 -32.14 5.10 5.18
N ILE A 343 -32.67 3.89 5.35
CA ILE A 343 -32.87 2.98 4.23
C ILE A 343 -33.89 3.57 3.25
N VAL A 344 -34.87 4.28 3.78
CA VAL A 344 -35.88 4.94 2.95
C VAL A 344 -35.21 5.98 2.06
N TYR A 345 -34.39 6.84 2.67
CA TYR A 345 -33.67 7.86 1.92
C TYR A 345 -32.82 7.23 0.83
N LEU A 346 -32.19 6.10 1.14
CA LEU A 346 -31.35 5.39 0.18
C LEU A 346 -32.16 5.00 -1.06
N VAL A 347 -33.38 4.55 -0.84
CA VAL A 347 -34.23 4.09 -1.94
C VAL A 347 -34.72 5.26 -2.79
N HIS A 348 -35.07 6.37 -2.14
CA HIS A 348 -35.55 7.54 -2.85
C HIS A 348 -34.44 8.20 -3.67
N CYS A 349 -33.20 7.82 -3.40
CA CYS A 349 -32.07 8.30 -4.18
C CYS A 349 -31.90 7.50 -5.47
N GLY A 350 -32.69 6.43 -5.60
CA GLY A 350 -32.65 5.60 -6.78
C GLY A 350 -31.56 4.55 -6.72
N ILE A 351 -31.66 3.65 -5.75
CA ILE A 351 -30.67 2.60 -5.56
C ILE A 351 -31.15 1.28 -6.17
N ILE A 352 -32.46 1.13 -6.32
CA ILE A 352 -33.04 -0.13 -6.76
C ILE A 352 -32.62 -0.50 -8.18
N GLU A 353 -32.94 0.37 -9.14
CA GLU A 353 -32.68 0.09 -10.54
C GLU A 353 -31.24 -0.38 -10.79
N PRO A 354 -30.25 0.41 -10.35
CA PRO A 354 -28.85 0.01 -10.58
C PRO A 354 -28.47 -1.23 -9.77
N LEU A 355 -29.21 -1.50 -8.70
CA LEU A 355 -28.95 -2.67 -7.86
C LEU A 355 -29.53 -3.93 -8.49
N MET A 356 -30.55 -3.77 -9.33
CA MET A 356 -31.18 -4.89 -10.01
C MET A 356 -30.40 -5.27 -11.27
N ASN A 357 -29.82 -4.27 -11.93
CA ASN A 357 -29.07 -4.49 -13.15
C ASN A 357 -27.75 -5.22 -12.91
N LEU A 358 -27.34 -5.31 -11.65
CA LEU A 358 -26.11 -6.01 -11.29
C LEU A 358 -26.38 -7.48 -10.99
N LEU A 359 -27.64 -7.87 -11.00
CA LEU A 359 -28.01 -9.27 -10.82
C LEU A 359 -27.75 -10.06 -12.10
N SER A 360 -27.51 -9.34 -13.19
CA SER A 360 -27.20 -9.96 -14.47
C SER A 360 -25.72 -10.33 -14.56
N ALA A 361 -24.92 -9.76 -13.67
CA ALA A 361 -23.49 -10.03 -13.64
C ALA A 361 -23.23 -11.51 -13.41
N LYS A 362 -22.08 -11.99 -13.87
CA LYS A 362 -21.73 -13.41 -13.78
C LYS A 362 -20.77 -13.67 -12.62
N ASP A 363 -20.97 -12.98 -11.52
CA ASP A 363 -20.16 -13.18 -10.32
C ASP A 363 -21.03 -13.76 -9.21
N THR A 364 -20.65 -14.92 -8.70
CA THR A 364 -21.45 -15.64 -7.73
C THR A 364 -21.62 -14.88 -6.40
N LYS A 365 -20.58 -14.15 -6.00
CA LYS A 365 -20.59 -13.50 -4.69
C LYS A 365 -21.41 -12.21 -4.68
N ILE A 366 -21.15 -11.33 -5.65
CA ILE A 366 -21.85 -10.05 -5.71
C ILE A 366 -23.36 -10.28 -5.67
N ILE A 367 -23.81 -11.35 -6.32
CA ILE A 367 -25.22 -11.69 -6.34
C ILE A 367 -25.73 -11.93 -4.92
N GLN A 368 -24.96 -12.70 -4.14
CA GLN A 368 -25.30 -12.94 -2.74
C GLN A 368 -25.33 -11.60 -2.00
N VAL A 369 -24.31 -10.79 -2.21
CA VAL A 369 -24.18 -9.51 -1.55
C VAL A 369 -25.36 -8.59 -1.89
N ILE A 370 -25.85 -8.69 -3.12
CA ILE A 370 -27.00 -7.91 -3.55
C ILE A 370 -28.28 -8.44 -2.93
N LEU A 371 -28.61 -9.69 -3.23
CA LEU A 371 -29.80 -10.33 -2.69
C LEU A 371 -29.90 -10.11 -1.19
N ASP A 372 -28.75 -10.10 -0.52
CA ASP A 372 -28.71 -9.86 0.92
C ASP A 372 -29.26 -8.48 1.23
N ALA A 373 -28.84 -7.49 0.44
CA ALA A 373 -29.32 -6.13 0.61
C ALA A 373 -30.82 -6.04 0.37
N ILE A 374 -31.28 -6.68 -0.70
CA ILE A 374 -32.70 -6.67 -1.04
C ILE A 374 -33.52 -7.17 0.14
N SER A 375 -33.05 -8.23 0.78
CA SER A 375 -33.71 -8.79 1.94
C SER A 375 -33.75 -7.78 3.08
N ASN A 376 -32.66 -7.05 3.26
CA ASN A 376 -32.56 -6.05 4.31
C ASN A 376 -33.50 -4.87 4.07
N ILE A 377 -33.70 -4.53 2.80
CA ILE A 377 -34.59 -3.42 2.45
C ILE A 377 -36.04 -3.81 2.74
N PHE A 378 -36.44 -5.00 2.30
CA PHE A 378 -37.76 -5.53 2.61
C PHE A 378 -37.93 -5.63 4.12
N GLN A 379 -36.85 -5.98 4.81
CA GLN A 379 -36.86 -6.10 6.26
C GLN A 379 -37.31 -4.79 6.91
N ALA A 380 -37.04 -3.68 6.22
CA ALA A 380 -37.46 -2.37 6.69
C ALA A 380 -38.83 -2.01 6.14
N ALA A 381 -39.13 -2.49 4.94
CA ALA A 381 -40.40 -2.22 4.29
C ALA A 381 -41.56 -2.79 5.12
N GLU A 382 -41.33 -3.94 5.73
CA GLU A 382 -42.35 -4.58 6.56
C GLU A 382 -42.71 -3.71 7.77
N LYS A 383 -41.73 -2.93 8.23
CA LYS A 383 -41.93 -2.08 9.39
C LYS A 383 -42.72 -0.82 9.01
N LEU A 384 -42.94 -0.64 7.70
CA LEU A 384 -43.75 0.46 7.21
C LEU A 384 -45.04 -0.06 6.56
N GLY A 385 -45.08 -1.35 6.27
CA GLY A 385 -46.23 -1.96 5.64
C GLY A 385 -46.24 -1.78 4.14
N GLU A 386 -45.21 -1.15 3.61
CA GLU A 386 -45.13 -0.88 2.18
C GLU A 386 -44.26 -1.91 1.46
N THR A 387 -44.41 -3.18 1.84
CA THR A 387 -43.71 -4.26 1.16
C THR A 387 -44.24 -4.37 -0.26
N GLU A 388 -45.53 -4.05 -0.41
CA GLU A 388 -46.18 -4.08 -1.71
C GLU A 388 -45.61 -2.98 -2.61
N LYS A 389 -45.45 -1.79 -2.05
CA LYS A 389 -44.94 -0.65 -2.79
C LYS A 389 -43.52 -0.91 -3.30
N LEU A 390 -42.75 -1.65 -2.53
CA LEU A 390 -41.39 -1.99 -2.90
C LEU A 390 -41.36 -3.03 -4.02
N SER A 391 -42.16 -4.08 -3.86
CA SER A 391 -42.24 -5.12 -4.87
C SER A 391 -42.51 -4.53 -6.24
N ILE A 392 -43.38 -3.53 -6.28
CA ILE A 392 -43.77 -2.89 -7.53
C ILE A 392 -42.57 -2.18 -8.15
N MET A 393 -41.85 -1.40 -7.35
CA MET A 393 -40.68 -0.68 -7.82
C MET A 393 -39.64 -1.64 -8.42
N ILE A 394 -39.50 -2.81 -7.78
CA ILE A 394 -38.59 -3.84 -8.28
C ILE A 394 -39.12 -4.45 -9.57
N GLU A 395 -40.44 -4.54 -9.68
CA GLU A 395 -41.08 -5.13 -10.85
C GLU A 395 -41.03 -4.22 -12.06
N GLU A 396 -41.06 -2.90 -11.81
CA GLU A 396 -41.11 -1.92 -12.90
C GLU A 396 -39.76 -1.69 -13.56
N CYS A 397 -38.69 -2.22 -12.95
CA CYS A 397 -37.34 -2.06 -13.50
C CYS A 397 -36.76 -3.41 -13.91
N GLY A 398 -37.62 -4.35 -14.27
CA GLY A 398 -37.19 -5.67 -14.68
C GLY A 398 -36.33 -6.34 -13.63
N GLY A 399 -36.64 -6.09 -12.36
CA GLY A 399 -35.89 -6.66 -11.25
C GLY A 399 -36.40 -8.04 -10.90
N LEU A 400 -37.71 -8.16 -10.70
CA LEU A 400 -38.33 -9.43 -10.35
C LEU A 400 -38.02 -10.51 -11.36
N ASP A 401 -37.98 -10.13 -12.63
CA ASP A 401 -37.72 -11.08 -13.72
C ASP A 401 -36.34 -11.71 -13.58
N LYS A 402 -35.43 -10.99 -12.92
CA LYS A 402 -34.05 -11.47 -12.76
C LYS A 402 -33.90 -12.29 -11.48
N ILE A 403 -34.66 -11.94 -10.45
CA ILE A 403 -34.68 -12.71 -9.22
C ILE A 403 -35.35 -14.06 -9.50
N GLU A 404 -36.21 -14.08 -10.51
CA GLU A 404 -36.91 -15.29 -10.90
C GLU A 404 -35.93 -16.34 -11.40
N ALA A 405 -34.85 -15.87 -12.04
CA ALA A 405 -33.84 -16.77 -12.59
C ALA A 405 -32.88 -17.24 -11.51
N LEU A 406 -32.57 -16.35 -10.57
CA LEU A 406 -31.67 -16.69 -9.46
C LEU A 406 -32.34 -17.67 -8.51
N GLN A 407 -33.67 -17.76 -8.60
CA GLN A 407 -34.44 -18.72 -7.82
C GLN A 407 -34.04 -20.15 -8.22
N ARG A 408 -33.44 -20.28 -9.40
CA ARG A 408 -32.98 -21.56 -9.90
C ARG A 408 -31.49 -21.49 -10.22
N HIS A 409 -30.71 -20.96 -9.30
CA HIS A 409 -29.27 -20.78 -9.51
C HIS A 409 -28.49 -21.96 -8.95
N GLU A 410 -27.26 -22.13 -9.43
CA GLU A 410 -26.43 -23.27 -9.04
C GLU A 410 -25.99 -23.17 -7.58
N ASN A 411 -25.34 -22.07 -7.22
CA ASN A 411 -24.90 -21.85 -5.85
C ASN A 411 -26.08 -22.03 -4.89
N GLU A 412 -25.86 -22.74 -3.79
CA GLU A 412 -26.94 -23.07 -2.87
C GLU A 412 -27.46 -21.84 -2.15
N SER A 413 -26.55 -20.99 -1.69
CA SER A 413 -26.91 -19.82 -0.88
C SER A 413 -27.70 -18.80 -1.70
N VAL A 414 -27.55 -18.86 -3.02
CA VAL A 414 -28.23 -17.91 -3.90
C VAL A 414 -29.73 -18.18 -3.98
N TYR A 415 -30.10 -19.39 -4.38
CA TYR A 415 -31.51 -19.73 -4.59
C TYR A 415 -32.27 -19.74 -3.26
N LYS A 416 -31.56 -19.86 -2.16
CA LYS A 416 -32.18 -19.80 -0.84
C LYS A 416 -32.88 -18.45 -0.64
N ALA A 417 -32.10 -17.38 -0.73
CA ALA A 417 -32.63 -16.04 -0.54
C ALA A 417 -33.60 -15.65 -1.66
N SER A 418 -33.32 -16.13 -2.86
CA SER A 418 -34.17 -15.83 -4.02
C SER A 418 -35.57 -16.39 -3.82
N LEU A 419 -35.66 -17.71 -3.66
CA LEU A 419 -36.93 -18.36 -3.41
C LEU A 419 -37.63 -17.78 -2.19
N ASN A 420 -36.83 -17.41 -1.19
CA ASN A 420 -37.37 -16.82 0.03
C ASN A 420 -37.94 -15.43 -0.22
N LEU A 421 -37.39 -14.75 -1.21
CA LEU A 421 -37.88 -13.42 -1.58
C LEU A 421 -39.12 -13.52 -2.46
N ILE A 422 -39.09 -14.43 -3.42
CA ILE A 422 -40.23 -14.63 -4.32
C ILE A 422 -41.46 -15.04 -3.52
N GLU A 423 -41.27 -15.92 -2.55
CA GLU A 423 -42.35 -16.46 -1.75
C GLU A 423 -42.91 -15.43 -0.76
N LYS A 424 -42.01 -14.77 -0.05
CA LYS A 424 -42.40 -13.90 1.07
C LYS A 424 -43.02 -12.58 0.59
N TYR A 425 -42.57 -12.08 -0.55
CA TYR A 425 -42.97 -10.76 -1.01
C TYR A 425 -43.64 -10.76 -2.39
N PHE A 426 -43.16 -11.59 -3.30
CA PHE A 426 -43.72 -11.66 -4.64
C PHE A 426 -44.67 -12.86 -4.78
N GLU B 1 1.82 -3.03 -0.88
CA GLU B 1 1.47 -3.41 -2.29
C GLU B 1 1.85 -2.30 -3.28
N GLY B 2 2.29 -1.17 -2.75
CA GLY B 2 2.57 0.00 -3.57
C GLY B 2 3.80 -0.14 -4.46
N PRO B 3 4.78 0.76 -4.29
CA PRO B 3 5.95 0.83 -5.17
C PRO B 3 6.88 -0.38 -5.04
N SER B 4 7.69 -0.62 -6.06
CA SER B 4 8.65 -1.71 -6.05
C SER B 4 9.50 -1.66 -4.79
N ALA B 5 9.69 -2.80 -4.16
CA ALA B 5 10.44 -2.88 -2.91
C ALA B 5 11.94 -2.96 -3.15
N LYS B 6 12.35 -2.95 -4.42
CA LYS B 6 13.76 -3.02 -4.77
C LYS B 6 14.12 -2.04 -5.88
N LYS B 7 15.14 -1.23 -5.65
CA LYS B 7 15.62 -0.27 -6.64
C LYS B 7 17.04 -0.62 -7.08
N PRO B 8 17.24 -0.79 -8.39
CA PRO B 8 18.60 -0.90 -8.92
C PRO B 8 19.13 0.47 -9.36
N LYS B 9 20.28 0.88 -8.84
CA LYS B 9 20.87 2.16 -9.23
C LYS B 9 21.63 2.00 -10.55
N LYS B 10 20.90 2.10 -11.65
CA LYS B 10 21.51 2.02 -12.98
C LYS B 10 21.20 3.29 -13.76
N GLU B 11 21.94 4.36 -13.47
CA GLU B 11 21.70 5.65 -14.07
C GLU B 11 22.25 5.71 -15.49
N ALA B 12 21.40 6.14 -16.41
CA ALA B 12 21.70 6.12 -17.84
C ALA B 12 22.67 5.00 -18.26
#